data_1QYN
#
_entry.id   1QYN
#
_cell.length_a   84.005
_cell.length_b   84.005
_cell.length_c   204.900
_cell.angle_alpha   90.00
_cell.angle_beta   90.00
_cell.angle_gamma   90.00
#
_symmetry.space_group_name_H-M   'P 43 21 2'
#
loop_
_entity.id
_entity.type
_entity.pdbx_description
1 polymer 'Protein-export protein secB'
2 water water
#
_entity_poly.entity_id   1
_entity_poly.type   'polypeptide(L)'
_entity_poly.pdbx_seq_one_letter_code
;MSEQNNTEMTFQIQRIYTKDISFEAPNAPHVFQKDWQPEVKLDLDTASSQLADDVYEVVLRVTVTASLGEETAFLCEVQQ
GGIFSIAGIEGTQMAHCLGAYCPNILFPYARECITSMVSRGTFPQLNLAPVNFDALFMNYLQQQAGEGTEEHQ
;
_entity_poly.pdbx_strand_id   A,B,C,D
#
# COMPACT_ATOMS: atom_id res chain seq x y z
N MET A 9 -16.85 -19.17 28.84
CA MET A 9 -15.80 -18.26 28.30
C MET A 9 -16.11 -17.84 26.87
N THR A 10 -15.57 -16.72 26.44
CA THR A 10 -15.83 -16.21 25.10
C THR A 10 -14.83 -15.16 24.65
N PHE A 11 -14.18 -15.41 23.52
CA PHE A 11 -13.20 -14.49 22.97
C PHE A 11 -13.70 -14.05 21.60
N GLN A 12 -13.63 -12.76 21.32
CA GLN A 12 -14.12 -12.26 20.05
C GLN A 12 -13.45 -10.96 19.62
N ILE A 13 -12.73 -11.03 18.51
CA ILE A 13 -12.07 -9.86 17.97
C ILE A 13 -13.16 -9.02 17.31
N GLN A 14 -13.43 -7.86 17.88
CA GLN A 14 -14.47 -6.99 17.35
C GLN A 14 -13.90 -5.94 16.38
N ARG A 15 -12.60 -5.70 16.41
CA ARG A 15 -12.02 -4.68 15.52
C ARG A 15 -10.51 -4.58 15.69
N ILE A 16 -9.82 -4.34 14.59
CA ILE A 16 -8.36 -4.19 14.61
C ILE A 16 -8.07 -2.91 13.87
N TYR A 17 -7.29 -2.02 14.47
CA TYR A 17 -7.04 -0.72 13.84
C TYR A 17 -5.79 -0.04 14.38
N THR A 18 -5.22 0.85 13.58
CA THR A 18 -4.06 1.55 14.03
C THR A 18 -4.51 2.91 14.55
N LYS A 19 -4.24 3.14 15.83
CA LYS A 19 -4.62 4.39 16.45
C LYS A 19 -3.67 5.51 16.10
N ASP A 20 -2.44 5.15 15.76
CA ASP A 20 -1.44 6.17 15.47
C ASP A 20 -0.31 5.55 14.67
N ILE A 21 0.24 6.32 13.75
CA ILE A 21 1.32 5.84 12.90
C ILE A 21 2.27 6.98 12.64
N SER A 22 3.56 6.71 12.79
CA SER A 22 4.54 7.75 12.54
C SER A 22 5.79 7.17 11.93
N PHE A 23 6.22 7.77 10.83
CA PHE A 23 7.43 7.37 10.14
C PHE A 23 8.24 8.64 9.84
N GLU A 24 9.52 8.64 10.14
CA GLU A 24 10.33 9.81 9.87
C GLU A 24 11.68 9.43 9.34
N ALA A 25 12.09 10.07 8.25
CA ALA A 25 13.40 9.86 7.64
C ALA A 25 14.08 11.24 7.49
N PRO A 26 14.59 11.82 8.61
CA PRO A 26 15.25 13.13 8.69
C PRO A 26 16.27 13.47 7.60
N ASN A 27 17.28 12.63 7.43
CA ASN A 27 18.32 12.85 6.44
C ASN A 27 18.03 12.04 5.19
N ALA A 28 16.74 11.89 4.89
CA ALA A 28 16.28 11.09 3.77
C ALA A 28 17.05 11.18 2.46
N PRO A 29 17.03 12.35 1.82
CA PRO A 29 17.76 12.44 0.55
C PRO A 29 19.17 11.83 0.59
N HIS A 30 20.03 12.33 1.47
CA HIS A 30 21.41 11.88 1.57
C HIS A 30 21.71 10.56 2.26
N VAL A 31 20.92 10.22 3.28
CA VAL A 31 21.16 8.99 4.00
C VAL A 31 21.10 7.75 3.08
N PHE A 32 20.60 7.94 1.85
CA PHE A 32 20.50 6.84 0.90
C PHE A 32 21.86 6.52 0.31
N GLN A 33 22.77 7.49 0.41
CA GLN A 33 24.13 7.37 -0.11
C GLN A 33 25.00 6.57 0.85
N LYS A 34 24.72 6.67 2.15
CA LYS A 34 25.49 5.96 3.16
C LYS A 34 25.37 4.45 2.97
N ASP A 35 26.40 3.72 3.37
CA ASP A 35 26.39 2.27 3.24
C ASP A 35 25.42 1.69 4.26
N TRP A 36 24.65 0.67 3.87
CA TRP A 36 23.66 0.10 4.77
C TRP A 36 24.23 -0.76 5.90
N GLN A 37 24.60 -0.10 7.00
CA GLN A 37 25.15 -0.75 8.17
C GLN A 37 24.37 -0.23 9.39
N PRO A 38 23.05 -0.48 9.43
CA PRO A 38 22.12 -0.06 10.49
C PRO A 38 22.14 -0.81 11.80
N GLU A 39 21.70 -0.12 12.84
CA GLU A 39 21.57 -0.68 14.16
C GLU A 39 20.09 -0.46 14.45
N VAL A 40 19.32 -1.54 14.41
CA VAL A 40 17.89 -1.46 14.65
C VAL A 40 17.50 -1.73 16.07
N LYS A 41 16.97 -0.72 16.75
CA LYS A 41 16.51 -0.87 18.12
C LYS A 41 14.98 -1.02 18.13
N LEU A 42 14.49 -1.95 18.94
CA LEU A 42 13.08 -2.22 19.06
C LEU A 42 12.57 -1.98 20.48
N ASP A 43 11.48 -1.23 20.62
CA ASP A 43 10.88 -0.99 21.92
C ASP A 43 9.39 -1.37 21.82
N LEU A 44 8.91 -2.16 22.77
CA LEU A 44 7.54 -2.60 22.77
C LEU A 44 6.85 -2.15 24.02
N ASP A 45 5.57 -1.78 23.89
CA ASP A 45 4.82 -1.32 25.04
C ASP A 45 3.39 -1.80 24.85
N THR A 46 2.77 -2.20 25.95
CA THR A 46 1.42 -2.73 25.96
C THR A 46 0.53 -2.03 26.99
N ALA A 47 -0.74 -1.85 26.65
CA ALA A 47 -1.68 -1.22 27.56
C ALA A 47 -3.10 -1.69 27.23
N SER A 48 -3.83 -2.10 28.27
CA SER A 48 -5.18 -2.54 28.08
C SER A 48 -6.13 -1.53 28.71
N SER A 49 -7.44 -1.76 28.52
CA SER A 49 -8.44 -0.83 29.02
C SER A 49 -9.85 -1.42 28.85
N GLN A 50 -10.71 -1.21 29.83
CA GLN A 50 -12.06 -1.73 29.68
C GLN A 50 -12.90 -0.60 29.09
N LEU A 51 -13.61 -0.89 28.01
CA LEU A 51 -14.43 0.11 27.34
C LEU A 51 -15.88 -0.07 27.73
N ALA A 52 -16.22 -1.28 28.16
CA ALA A 52 -17.57 -1.62 28.56
C ALA A 52 -17.48 -2.98 29.21
N ASP A 53 -18.59 -3.44 29.80
CA ASP A 53 -18.57 -4.76 30.43
C ASP A 53 -18.16 -5.82 29.41
N ASP A 54 -17.06 -6.50 29.69
CA ASP A 54 -16.54 -7.56 28.81
C ASP A 54 -16.04 -7.06 27.45
N VAL A 55 -15.82 -5.77 27.33
CA VAL A 55 -15.31 -5.21 26.09
C VAL A 55 -14.03 -4.45 26.44
N TYR A 56 -12.90 -4.96 25.96
CA TYR A 56 -11.63 -4.36 26.25
C TYR A 56 -10.84 -3.92 25.04
N GLU A 57 -10.08 -2.85 25.20
CA GLU A 57 -9.22 -2.39 24.13
C GLU A 57 -7.78 -2.74 24.51
N VAL A 58 -6.99 -3.23 23.56
CA VAL A 58 -5.59 -3.55 23.82
C VAL A 58 -4.83 -2.78 22.78
N VAL A 59 -3.80 -2.08 23.23
CA VAL A 59 -2.99 -1.28 22.33
C VAL A 59 -1.56 -1.76 22.39
N LEU A 60 -0.95 -2.00 21.23
CA LEU A 60 0.42 -2.44 21.20
C LEU A 60 1.18 -1.34 20.53
N ARG A 61 2.20 -0.84 21.20
CA ARG A 61 2.98 0.21 20.58
C ARG A 61 4.32 -0.40 20.22
N VAL A 62 4.69 -0.27 18.95
CA VAL A 62 5.96 -0.79 18.49
C VAL A 62 6.75 0.38 17.99
N THR A 63 7.96 0.52 18.54
CA THR A 63 8.83 1.63 18.13
C THR A 63 10.09 1.03 17.53
N VAL A 64 10.45 1.52 16.36
CA VAL A 64 11.62 1.03 15.66
C VAL A 64 12.52 2.19 15.29
N THR A 65 13.81 2.05 15.61
CA THR A 65 14.80 3.08 15.33
C THR A 65 15.94 2.43 14.55
N ALA A 66 16.35 3.05 13.46
CA ALA A 66 17.43 2.51 12.66
C ALA A 66 18.46 3.60 12.49
N SER A 67 19.71 3.27 12.84
CA SER A 67 20.79 4.24 12.73
C SER A 67 21.98 3.71 11.98
N LEU A 68 22.67 4.61 11.31
CA LEU A 68 23.88 4.29 10.55
C LEU A 68 25.02 4.98 11.29
N GLY A 69 25.26 4.54 12.52
CA GLY A 69 26.30 5.15 13.33
C GLY A 69 25.65 6.15 14.27
N GLU A 70 25.85 7.43 13.97
CA GLU A 70 25.27 8.50 14.80
C GLU A 70 24.18 9.23 13.99
N GLU A 71 24.04 8.83 12.73
CA GLU A 71 23.06 9.41 11.82
C GLU A 71 21.85 8.48 11.73
N THR A 72 20.71 8.95 12.26
CA THR A 72 19.48 8.17 12.22
C THR A 72 18.95 7.99 10.80
N ALA A 73 18.68 6.75 10.42
CA ALA A 73 18.17 6.41 9.10
C ALA A 73 16.66 6.68 9.08
N PHE A 74 15.95 6.12 10.06
CA PHE A 74 14.52 6.37 10.13
C PHE A 74 13.96 5.93 11.45
N LEU A 75 12.85 6.55 11.84
CA LEU A 75 12.18 6.20 13.08
C LEU A 75 10.74 5.80 12.71
N CYS A 76 10.28 4.67 13.25
CA CYS A 76 8.93 4.17 12.98
C CYS A 76 8.22 3.83 14.24
N GLU A 77 7.06 4.44 14.42
CA GLU A 77 6.27 4.14 15.59
C GLU A 77 4.87 3.83 15.11
N VAL A 78 4.25 2.83 15.74
CA VAL A 78 2.93 2.39 15.39
C VAL A 78 2.20 1.91 16.62
N GLN A 79 0.97 2.40 16.77
CA GLN A 79 0.09 2.02 17.88
C GLN A 79 -0.97 1.16 17.23
N GLN A 80 -0.84 -0.14 17.41
CA GLN A 80 -1.80 -1.07 16.83
C GLN A 80 -2.77 -1.44 17.92
N GLY A 81 -4.03 -1.06 17.72
CA GLY A 81 -5.04 -1.36 18.71
C GLY A 81 -6.02 -2.42 18.27
N GLY A 82 -6.79 -2.89 19.24
CA GLY A 82 -7.79 -3.89 18.95
C GLY A 82 -8.85 -3.90 20.03
N ILE A 83 -10.10 -4.09 19.61
CA ILE A 83 -11.21 -4.19 20.55
C ILE A 83 -11.58 -5.67 20.64
N PHE A 84 -11.68 -6.16 21.87
CA PHE A 84 -12.00 -7.56 22.14
C PHE A 84 -13.15 -7.78 23.10
N SER A 85 -13.95 -8.80 22.79
CA SER A 85 -15.08 -9.19 23.62
C SER A 85 -14.58 -10.37 24.44
N ILE A 86 -14.25 -10.13 25.71
CA ILE A 86 -13.77 -11.22 26.55
C ILE A 86 -14.70 -11.41 27.74
N ALA A 87 -14.91 -12.67 28.11
CA ALA A 87 -15.78 -12.96 29.24
C ALA A 87 -15.57 -14.41 29.69
N GLY A 88 -15.90 -14.69 30.95
CA GLY A 88 -15.74 -16.03 31.46
C GLY A 88 -14.47 -16.25 32.26
N ILE A 89 -13.53 -15.30 32.19
CA ILE A 89 -12.29 -15.45 32.95
C ILE A 89 -11.90 -14.17 33.66
N GLU A 90 -11.08 -14.30 34.69
CA GLU A 90 -10.61 -13.14 35.46
C GLU A 90 -9.25 -13.36 36.12
N GLY A 91 -8.91 -12.48 37.06
CA GLY A 91 -7.64 -12.58 37.75
C GLY A 91 -6.46 -12.70 36.81
N THR A 92 -5.55 -13.61 37.14
CA THR A 92 -4.36 -13.82 36.33
C THR A 92 -4.74 -14.26 34.91
N GLN A 93 -5.80 -15.06 34.80
CA GLN A 93 -6.24 -15.56 33.50
C GLN A 93 -6.49 -14.36 32.58
N MET A 94 -7.37 -13.46 33.03
CA MET A 94 -7.70 -12.28 32.25
C MET A 94 -6.46 -11.40 32.06
N ALA A 95 -5.63 -11.32 33.08
CA ALA A 95 -4.44 -10.50 33.00
C ALA A 95 -3.51 -11.01 31.89
N HIS A 96 -3.46 -12.33 31.75
CA HIS A 96 -2.62 -12.96 30.73
C HIS A 96 -3.17 -12.70 29.35
N CYS A 97 -4.49 -12.79 29.24
CA CYS A 97 -5.18 -12.58 27.98
C CYS A 97 -4.95 -11.17 27.43
N LEU A 98 -5.01 -10.17 28.31
CA LEU A 98 -4.83 -8.79 27.90
C LEU A 98 -3.36 -8.40 27.75
N GLY A 99 -2.47 -9.01 28.54
CA GLY A 99 -1.06 -8.69 28.44
C GLY A 99 -0.19 -9.56 27.54
N ALA A 100 -0.68 -10.74 27.16
CA ALA A 100 0.09 -11.65 26.32
C ALA A 100 -0.65 -12.13 25.07
N TYR A 101 -1.78 -12.77 25.28
CA TYR A 101 -2.59 -13.31 24.21
C TYR A 101 -3.04 -12.24 23.23
N CYS A 102 -3.71 -11.20 23.73
CA CYS A 102 -4.20 -10.14 22.85
C CYS A 102 -3.07 -9.46 22.08
N PRO A 103 -2.02 -9.00 22.79
CA PRO A 103 -0.95 -8.37 22.02
C PRO A 103 -0.35 -9.31 20.98
N ASN A 104 -0.36 -10.61 21.25
CA ASN A 104 0.20 -11.57 20.30
C ASN A 104 -0.61 -11.60 18.99
N ILE A 105 -1.91 -11.35 19.13
CA ILE A 105 -2.85 -11.28 18.01
C ILE A 105 -2.58 -10.00 17.22
N LEU A 106 -2.20 -8.94 17.92
CA LEU A 106 -1.95 -7.65 17.29
C LEU A 106 -0.57 -7.48 16.63
N PHE A 107 0.42 -8.22 17.11
CA PHE A 107 1.75 -8.04 16.56
C PHE A 107 1.91 -8.22 15.03
N PRO A 108 1.34 -9.31 14.46
CA PRO A 108 1.42 -9.56 13.01
C PRO A 108 0.98 -8.35 12.20
N TYR A 109 -0.08 -7.69 12.67
CA TYR A 109 -0.55 -6.49 11.97
C TYR A 109 0.40 -5.30 12.16
N ALA A 110 0.99 -5.17 13.35
CA ALA A 110 1.92 -4.06 13.57
C ALA A 110 3.16 -4.36 12.70
N ARG A 111 3.56 -5.64 12.62
CA ARG A 111 4.71 -6.00 11.75
C ARG A 111 4.53 -5.52 10.30
N GLU A 112 3.38 -5.82 9.69
CA GLU A 112 3.11 -5.44 8.29
C GLU A 112 3.06 -3.93 8.12
N CYS A 113 2.44 -3.24 9.07
CA CYS A 113 2.37 -1.78 9.00
C CYS A 113 3.78 -1.19 8.99
N ILE A 114 4.66 -1.74 9.81
CA ILE A 114 6.05 -1.25 9.85
C ILE A 114 6.79 -1.61 8.55
N THR A 115 6.68 -2.86 8.08
CA THR A 115 7.31 -3.22 6.81
C THR A 115 6.87 -2.23 5.73
N SER A 116 5.56 -1.99 5.64
CA SER A 116 5.04 -1.09 4.60
C SER A 116 5.62 0.33 4.67
N MET A 117 5.69 0.88 5.88
CA MET A 117 6.24 2.22 6.10
C MET A 117 7.71 2.22 5.67
N VAL A 118 8.47 1.25 6.17
CA VAL A 118 9.89 1.19 5.81
C VAL A 118 10.06 1.09 4.30
N SER A 119 9.25 0.26 3.66
CA SER A 119 9.31 0.09 2.20
C SER A 119 8.92 1.39 1.50
N ARG A 120 7.93 2.11 2.02
CA ARG A 120 7.56 3.39 1.42
C ARG A 120 8.75 4.38 1.53
N GLY A 121 9.46 4.32 2.65
CA GLY A 121 10.63 5.18 2.86
C GLY A 121 11.73 4.82 1.85
N THR A 122 11.58 3.64 1.25
CA THR A 122 12.50 3.14 0.25
C THR A 122 13.83 2.58 0.87
N PHE A 123 13.69 2.03 2.06
CA PHE A 123 14.77 1.40 2.77
C PHE A 123 14.63 -0.10 2.58
N PRO A 124 15.71 -0.85 2.84
CA PRO A 124 15.70 -2.31 2.70
C PRO A 124 14.60 -2.90 3.56
N GLN A 125 14.06 -4.05 3.13
CA GLN A 125 12.99 -4.66 3.87
C GLN A 125 13.30 -4.95 5.36
N LEU A 126 12.31 -4.70 6.21
CA LEU A 126 12.43 -4.94 7.64
C LEU A 126 11.21 -5.73 8.11
N ASN A 127 11.43 -6.93 8.61
CA ASN A 127 10.34 -7.77 9.10
C ASN A 127 10.65 -8.09 10.57
N LEU A 128 9.94 -7.49 11.49
CA LEU A 128 10.21 -7.73 12.90
C LEU A 128 10.17 -9.20 13.27
N ALA A 129 11.09 -9.60 14.14
CA ALA A 129 11.15 -10.98 14.57
C ALA A 129 9.98 -11.24 15.50
N PRO A 130 9.49 -12.48 15.56
CA PRO A 130 8.36 -12.76 16.45
C PRO A 130 8.78 -12.42 17.89
N VAL A 131 7.80 -12.19 18.75
CA VAL A 131 8.06 -11.85 20.14
C VAL A 131 7.36 -12.84 21.07
N ASN A 132 8.09 -13.28 22.09
CA ASN A 132 7.52 -14.22 23.05
C ASN A 132 6.80 -13.39 24.12
N PHE A 133 5.53 -13.08 23.88
CA PHE A 133 4.77 -12.29 24.84
C PHE A 133 4.55 -13.05 26.12
N ASP A 134 4.45 -14.37 26.02
CA ASP A 134 4.26 -15.21 27.21
C ASP A 134 5.46 -15.09 28.14
N ALA A 135 6.64 -14.85 27.56
CA ALA A 135 7.85 -14.72 28.34
C ALA A 135 7.95 -13.34 29.00
N LEU A 136 7.57 -12.30 28.26
CA LEU A 136 7.62 -10.95 28.79
C LEU A 136 6.57 -10.78 29.89
N PHE A 137 5.45 -11.50 29.78
CA PHE A 137 4.42 -11.42 30.79
C PHE A 137 4.91 -12.00 32.10
N MET A 138 5.58 -13.15 32.00
CA MET A 138 6.13 -13.84 33.17
C MET A 138 7.16 -12.99 33.90
N ASN A 139 8.04 -12.33 33.14
CA ASN A 139 9.08 -11.49 33.74
C ASN A 139 8.43 -10.42 34.62
N TYR A 140 7.31 -9.87 34.14
CA TYR A 140 6.56 -8.86 34.88
C TYR A 140 5.83 -9.54 36.04
N LEU A 141 5.10 -10.59 35.70
CA LEU A 141 4.32 -11.36 36.68
C LEU A 141 5.09 -11.71 37.95
N GLN A 142 6.41 -11.83 37.85
CA GLN A 142 7.22 -12.17 39.01
C GLN A 142 8.69 -11.93 38.68
N MET B 9 15.20 19.14 -24.10
CA MET B 9 15.49 19.00 -22.63
C MET B 9 15.79 17.56 -22.23
N THR B 10 15.80 17.32 -20.92
CA THR B 10 16.08 16.00 -20.38
C THR B 10 15.47 15.86 -18.98
N PHE B 11 14.63 14.85 -18.81
CA PHE B 11 13.98 14.61 -17.52
C PHE B 11 14.12 13.14 -17.15
N GLN B 12 14.50 12.87 -15.91
CA GLN B 12 14.65 11.50 -15.44
C GLN B 12 14.34 11.35 -13.95
N ILE B 13 13.35 10.52 -13.60
CA ILE B 13 13.02 10.31 -12.20
C ILE B 13 14.07 9.39 -11.64
N GLN B 14 14.72 9.80 -10.56
CA GLN B 14 15.80 9.02 -9.94
C GLN B 14 15.35 8.22 -8.72
N ARG B 15 14.36 8.72 -8.00
CA ARG B 15 13.86 8.04 -6.81
C ARG B 15 12.59 8.68 -6.29
N ILE B 16 11.76 7.90 -5.59
CA ILE B 16 10.51 8.40 -5.06
C ILE B 16 10.40 7.75 -3.70
N TYR B 17 10.12 8.55 -2.68
CA TYR B 17 10.12 8.00 -1.35
C TYR B 17 9.32 8.87 -0.39
N THR B 18 8.92 8.26 0.71
CA THR B 18 8.16 8.93 1.72
C THR B 18 9.11 9.41 2.81
N LYS B 19 9.29 10.74 2.88
CA LYS B 19 10.19 11.33 3.87
C LYS B 19 9.52 11.36 5.25
N ASP B 20 8.20 11.46 5.29
CA ASP B 20 7.51 11.51 6.58
C ASP B 20 6.05 11.07 6.49
N ILE B 21 5.60 10.27 7.44
CA ILE B 21 4.24 9.80 7.46
C ILE B 21 3.67 10.02 8.84
N SER B 22 2.43 10.47 8.90
CA SER B 22 1.81 10.66 10.21
C SER B 22 0.31 10.40 10.12
N PHE B 23 -0.20 9.62 11.05
CA PHE B 23 -1.62 9.34 11.09
C PHE B 23 -2.02 9.30 12.55
N GLU B 24 -3.10 9.99 12.88
CA GLU B 24 -3.55 10.05 14.27
C GLU B 24 -5.07 9.97 14.40
N ALA B 25 -5.54 9.16 15.35
CA ALA B 25 -6.98 9.04 15.60
C ALA B 25 -7.12 9.20 17.10
N PRO B 26 -6.80 10.41 17.60
CA PRO B 26 -6.84 10.79 19.02
C PRO B 26 -8.06 10.35 19.82
N ASN B 27 -9.23 10.38 19.18
CA ASN B 27 -10.47 9.99 19.83
C ASN B 27 -10.93 8.61 19.28
N ALA B 28 -10.04 7.98 18.52
CA ALA B 28 -10.28 6.71 17.84
C ALA B 28 -11.25 5.71 18.43
N PRO B 29 -10.94 5.17 19.60
CA PRO B 29 -11.87 4.18 20.17
C PRO B 29 -13.35 4.66 20.15
N HIS B 30 -13.68 5.69 20.92
CA HIS B 30 -15.06 6.14 20.98
C HIS B 30 -15.64 6.88 19.76
N VAL B 31 -14.81 7.58 19.00
CA VAL B 31 -15.32 8.28 17.82
C VAL B 31 -15.86 7.26 16.77
N PHE B 32 -15.64 5.96 16.99
CA PHE B 32 -16.13 4.93 16.06
C PHE B 32 -17.64 4.77 16.13
N GLN B 33 -18.25 5.18 17.24
CA GLN B 33 -19.70 5.08 17.39
C GLN B 33 -20.39 6.01 16.37
N LYS B 34 -19.66 7.03 15.92
CA LYS B 34 -20.18 7.95 14.92
C LYS B 34 -19.84 7.36 13.56
N ASP B 35 -20.73 6.54 13.03
CA ASP B 35 -20.52 5.89 11.75
C ASP B 35 -21.13 6.64 10.58
N TRP B 36 -20.31 7.43 9.88
CA TRP B 36 -20.77 8.16 8.71
C TRP B 36 -19.61 8.85 8.04
N GLN B 37 -19.88 9.50 6.91
CA GLN B 37 -18.85 10.19 6.15
C GLN B 37 -18.36 11.43 6.92
N PRO B 38 -17.10 11.40 7.37
CA PRO B 38 -16.56 12.54 8.12
C PRO B 38 -16.16 13.68 7.19
N GLU B 39 -16.40 14.92 7.63
CA GLU B 39 -16.05 16.09 6.83
C GLU B 39 -14.53 16.17 6.71
N VAL B 40 -14.05 16.25 5.47
CA VAL B 40 -12.63 16.28 5.20
C VAL B 40 -12.13 17.60 4.74
N LYS B 41 -10.90 17.92 5.16
CA LYS B 41 -10.24 19.16 4.80
C LYS B 41 -8.84 18.81 4.32
N LEU B 42 -8.54 19.23 3.10
CA LEU B 42 -7.27 18.95 2.47
C LEU B 42 -6.35 20.16 2.37
N ASP B 43 -5.06 19.91 2.47
CA ASP B 43 -4.09 20.99 2.39
C ASP B 43 -2.81 20.51 1.70
N LEU B 44 -2.30 21.31 0.76
CA LEU B 44 -1.10 20.97 0.00
C LEU B 44 0.06 21.95 0.11
N ASP B 45 1.29 21.44 -0.04
CA ASP B 45 2.50 22.25 0.04
C ASP B 45 3.55 21.64 -0.88
N THR B 46 4.24 22.46 -1.66
CA THR B 46 5.27 21.95 -2.54
C THR B 46 6.54 22.79 -2.40
N ALA B 47 7.65 22.11 -2.11
CA ALA B 47 8.94 22.77 -1.96
C ALA B 47 10.00 21.92 -2.62
N SER B 48 10.94 22.57 -3.31
CA SER B 48 12.04 21.87 -3.97
C SER B 48 13.39 22.36 -3.46
N SER B 49 14.47 21.81 -4.04
CA SER B 49 15.85 22.17 -3.69
C SER B 49 16.76 21.48 -4.68
N GLN B 50 17.98 22.01 -4.83
CA GLN B 50 18.96 21.45 -5.77
C GLN B 50 19.97 20.65 -4.98
N LEU B 51 20.00 19.34 -5.22
CA LEU B 51 20.91 18.45 -4.51
C LEU B 51 22.28 18.49 -5.17
N ALA B 52 22.30 18.70 -6.47
CA ALA B 52 23.54 18.77 -7.22
C ALA B 52 23.24 19.49 -8.51
N ASP B 53 24.12 19.36 -9.49
CA ASP B 53 23.89 20.03 -10.76
C ASP B 53 22.87 19.22 -11.55
N ASP B 54 21.80 19.89 -11.97
CA ASP B 54 20.76 19.23 -12.73
C ASP B 54 20.11 18.06 -11.97
N VAL B 55 20.30 18.04 -10.66
CA VAL B 55 19.68 17.01 -9.84
C VAL B 55 18.96 17.71 -8.70
N TYR B 56 17.63 17.68 -8.76
CA TYR B 56 16.79 18.34 -7.76
C TYR B 56 15.92 17.41 -6.95
N GLU B 57 15.48 17.91 -5.80
CA GLU B 57 14.60 17.15 -4.93
C GLU B 57 13.31 17.92 -4.69
N VAL B 58 12.19 17.34 -5.12
CA VAL B 58 10.90 17.96 -4.93
C VAL B 58 10.15 17.23 -3.84
N VAL B 59 9.47 17.99 -3.00
CA VAL B 59 8.72 17.43 -1.89
C VAL B 59 7.28 17.89 -1.96
N LEU B 60 6.36 16.95 -1.80
CA LEU B 60 4.94 17.25 -1.83
C LEU B 60 4.38 16.91 -0.46
N ARG B 61 3.81 17.88 0.24
CA ARG B 61 3.26 17.60 1.56
C ARG B 61 1.76 17.68 1.45
N VAL B 62 1.08 16.65 1.94
CA VAL B 62 -0.37 16.62 1.89
C VAL B 62 -0.93 16.34 3.27
N THR B 63 -1.80 17.22 3.72
CA THR B 63 -2.40 17.10 5.02
C THR B 63 -3.92 16.98 4.90
N VAL B 64 -4.47 15.99 5.58
CA VAL B 64 -5.88 15.73 5.56
C VAL B 64 -6.43 15.73 6.97
N THR B 65 -7.32 16.66 7.24
CA THR B 65 -7.96 16.75 8.55
C THR B 65 -9.39 16.27 8.37
N ALA B 66 -9.82 15.35 9.22
CA ALA B 66 -11.18 14.81 9.15
C ALA B 66 -11.89 14.87 10.49
N SER B 67 -13.18 15.18 10.49
CA SER B 67 -13.92 15.23 11.73
C SER B 67 -15.33 14.71 11.56
N LEU B 68 -15.87 14.15 12.64
CA LEU B 68 -17.22 13.61 12.68
C LEU B 68 -17.99 14.40 13.73
N GLY B 69 -19.04 15.06 13.31
CA GLY B 69 -19.79 15.84 14.28
C GLY B 69 -18.87 16.97 14.66
N GLU B 70 -18.74 17.23 15.96
CA GLU B 70 -17.91 18.33 16.37
C GLU B 70 -16.55 17.89 16.95
N GLU B 71 -16.09 16.71 16.53
CA GLU B 71 -14.84 16.19 17.04
C GLU B 71 -13.95 15.57 15.96
N THR B 72 -12.66 15.48 16.25
CA THR B 72 -11.72 14.93 15.29
C THR B 72 -11.90 13.44 15.05
N ALA B 73 -11.91 13.04 13.78
CA ALA B 73 -11.99 11.63 13.43
C ALA B 73 -10.55 11.18 13.28
N PHE B 74 -9.80 11.89 12.45
CA PHE B 74 -8.40 11.53 12.28
C PHE B 74 -7.64 12.62 11.61
N LEU B 75 -6.32 12.60 11.79
CA LEU B 75 -5.44 13.56 11.11
C LEU B 75 -4.39 12.67 10.41
N CYS B 76 -4.05 13.04 9.19
CA CYS B 76 -3.11 12.29 8.41
C CYS B 76 -2.29 13.28 7.62
N GLU B 77 -1.01 13.01 7.55
CA GLU B 77 -0.13 13.89 6.81
C GLU B 77 0.96 13.05 6.19
N VAL B 78 1.41 13.46 5.02
CA VAL B 78 2.45 12.78 4.32
C VAL B 78 3.31 13.78 3.56
N GLN B 79 4.61 13.52 3.53
CA GLN B 79 5.56 14.33 2.77
C GLN B 79 6.18 13.33 1.83
N GLN B 80 5.82 13.44 0.56
CA GLN B 80 6.31 12.54 -0.45
C GLN B 80 7.39 13.25 -1.23
N GLY B 81 8.58 12.65 -1.25
CA GLY B 81 9.66 13.27 -1.98
C GLY B 81 10.08 12.49 -3.18
N GLY B 82 10.85 13.15 -4.03
CA GLY B 82 11.38 12.53 -5.22
C GLY B 82 12.64 13.25 -5.67
N ILE B 83 13.56 12.49 -6.25
CA ILE B 83 14.76 13.07 -6.77
C ILE B 83 14.63 13.01 -8.28
N PHE B 84 14.82 14.15 -8.93
CA PHE B 84 14.72 14.21 -10.39
C PHE B 84 15.94 14.88 -11.00
N SER B 85 16.18 14.56 -12.26
CA SER B 85 17.28 15.12 -13.05
C SER B 85 16.66 16.01 -14.12
N ILE B 86 16.87 17.33 -14.01
CA ILE B 86 16.33 18.26 -15.00
C ILE B 86 17.45 19.04 -15.70
N ALA B 87 17.44 19.00 -17.03
CA ALA B 87 18.44 19.68 -17.86
C ALA B 87 17.80 20.37 -19.07
N GLY B 88 18.43 21.45 -19.54
CA GLY B 88 17.92 22.19 -20.69
C GLY B 88 16.91 23.25 -20.28
N ILE B 89 15.93 22.84 -19.50
CA ILE B 89 14.91 23.73 -19.02
C ILE B 89 15.53 24.66 -17.98
N GLU B 90 14.99 25.88 -17.88
CA GLU B 90 15.47 26.86 -16.91
C GLU B 90 14.58 28.08 -16.90
N GLY B 91 14.73 28.90 -15.85
CA GLY B 91 13.95 30.11 -15.74
C GLY B 91 12.54 29.88 -15.23
N THR B 92 11.55 30.13 -16.08
CA THR B 92 10.18 29.94 -15.69
C THR B 92 9.78 28.50 -15.95
N GLN B 93 10.25 27.97 -17.08
CA GLN B 93 9.96 26.60 -17.45
C GLN B 93 10.39 25.66 -16.34
N MET B 94 11.52 25.96 -15.72
CA MET B 94 12.04 25.14 -14.63
C MET B 94 11.19 25.29 -13.39
N ALA B 95 10.84 26.52 -13.05
CA ALA B 95 10.04 26.78 -11.87
C ALA B 95 8.75 25.99 -11.96
N HIS B 96 8.25 25.86 -13.19
CA HIS B 96 7.02 25.14 -13.44
C HIS B 96 7.23 23.62 -13.35
N CYS B 97 8.42 23.17 -13.75
CA CYS B 97 8.74 21.75 -13.72
C CYS B 97 8.80 21.26 -12.26
N LEU B 98 9.45 22.03 -11.40
CA LEU B 98 9.59 21.66 -10.00
C LEU B 98 8.40 22.01 -9.13
N GLY B 99 7.62 23.00 -9.55
CA GLY B 99 6.48 23.42 -8.75
C GLY B 99 5.15 22.84 -9.18
N ALA B 100 5.08 22.32 -10.41
CA ALA B 100 3.83 21.75 -10.90
C ALA B 100 3.99 20.36 -11.53
N TYR B 101 4.95 20.23 -12.42
CA TYR B 101 5.17 18.97 -13.13
C TYR B 101 5.58 17.78 -12.24
N CYS B 102 6.53 18.02 -11.33
CA CYS B 102 7.02 16.98 -10.43
C CYS B 102 6.03 16.68 -9.31
N PRO B 103 5.41 17.73 -8.75
CA PRO B 103 4.45 17.41 -7.68
C PRO B 103 3.30 16.53 -8.25
N ASN B 104 2.98 16.77 -9.52
CA ASN B 104 1.91 16.05 -10.20
C ASN B 104 2.28 14.56 -10.33
N ILE B 105 3.57 14.30 -10.43
CA ILE B 105 4.07 12.94 -10.53
C ILE B 105 3.98 12.28 -9.15
N LEU B 106 4.21 13.07 -8.12
CA LEU B 106 4.20 12.59 -6.76
C LEU B 106 2.84 12.50 -6.09
N PHE B 107 1.87 13.26 -6.58
CA PHE B 107 0.55 13.25 -5.99
C PHE B 107 -0.07 11.83 -5.80
N PRO B 108 -0.06 11.00 -6.85
CA PRO B 108 -0.61 9.64 -6.73
C PRO B 108 -0.05 8.88 -5.52
N TYR B 109 1.26 8.99 -5.30
CA TYR B 109 1.92 8.33 -4.15
C TYR B 109 1.42 8.81 -2.79
N ALA B 110 1.39 10.13 -2.63
CA ALA B 110 0.94 10.71 -1.37
C ALA B 110 -0.53 10.37 -1.16
N ARG B 111 -1.28 10.44 -2.25
CA ARG B 111 -2.71 10.14 -2.20
C ARG B 111 -2.97 8.73 -1.69
N GLU B 112 -2.23 7.79 -2.24
CA GLU B 112 -2.40 6.39 -1.89
C GLU B 112 -1.95 6.15 -0.48
N CYS B 113 -0.90 6.87 -0.11
CA CYS B 113 -0.37 6.70 1.23
C CYS B 113 -1.44 7.11 2.21
N ILE B 114 -2.11 8.23 1.92
CA ILE B 114 -3.16 8.69 2.81
C ILE B 114 -4.33 7.71 2.85
N THR B 115 -4.74 7.24 1.69
CA THR B 115 -5.82 6.25 1.59
C THR B 115 -5.46 5.00 2.40
N SER B 116 -4.22 4.56 2.27
CA SER B 116 -3.79 3.37 2.99
C SER B 116 -3.88 3.60 4.50
N MET B 117 -3.33 4.73 4.96
CA MET B 117 -3.34 5.06 6.40
C MET B 117 -4.78 5.14 6.91
N VAL B 118 -5.65 5.84 6.18
CA VAL B 118 -7.05 5.95 6.57
C VAL B 118 -7.70 4.55 6.65
N SER B 119 -7.34 3.67 5.73
CA SER B 119 -7.90 2.32 5.74
C SER B 119 -7.40 1.54 6.94
N ARG B 120 -6.12 1.68 7.26
CA ARG B 120 -5.56 1.00 8.44
C ARG B 120 -6.26 1.41 9.74
N GLY B 121 -6.67 2.68 9.83
CA GLY B 121 -7.36 3.17 11.01
C GLY B 121 -8.82 2.76 11.11
N THR B 122 -9.28 2.06 10.06
CA THR B 122 -10.64 1.55 9.92
C THR B 122 -11.67 2.62 9.73
N PHE B 123 -11.28 3.67 9.02
CA PHE B 123 -12.22 4.74 8.72
C PHE B 123 -12.78 4.54 7.30
N PRO B 124 -13.85 5.27 6.97
CA PRO B 124 -14.46 5.16 5.64
C PRO B 124 -13.49 5.53 4.55
N GLN B 125 -13.65 4.88 3.41
CA GLN B 125 -12.81 5.12 2.27
C GLN B 125 -12.59 6.61 2.05
N LEU B 126 -11.34 6.97 1.75
CA LEU B 126 -10.98 8.37 1.48
C LEU B 126 -10.12 8.50 0.22
N ASN B 127 -10.71 9.01 -0.86
CA ASN B 127 -9.95 9.20 -2.10
C ASN B 127 -9.81 10.68 -2.44
N LEU B 128 -8.59 11.18 -2.39
CA LEU B 128 -8.36 12.57 -2.69
C LEU B 128 -8.64 12.82 -4.16
N ALA B 129 -9.46 13.85 -4.40
CA ALA B 129 -9.80 14.23 -5.75
C ALA B 129 -8.55 14.73 -6.46
N PRO B 130 -8.47 14.51 -7.78
CA PRO B 130 -7.31 14.94 -8.57
C PRO B 130 -7.02 16.43 -8.41
N VAL B 131 -5.73 16.78 -8.37
CA VAL B 131 -5.37 18.16 -8.20
C VAL B 131 -4.71 18.71 -9.46
N ASN B 132 -5.15 19.89 -9.89
CA ASN B 132 -4.54 20.51 -11.06
C ASN B 132 -3.38 21.39 -10.58
N PHE B 133 -2.18 20.84 -10.60
CA PHE B 133 -1.02 21.59 -10.14
C PHE B 133 -0.66 22.74 -11.07
N ASP B 134 -1.03 22.63 -12.34
CA ASP B 134 -0.75 23.70 -13.28
C ASP B 134 -1.53 24.94 -12.87
N ALA B 135 -2.78 24.74 -12.49
CA ALA B 135 -3.64 25.83 -12.05
C ALA B 135 -3.12 26.40 -10.73
N LEU B 136 -2.71 25.52 -9.82
CA LEU B 136 -2.17 25.94 -8.53
C LEU B 136 -0.89 26.75 -8.67
N PHE B 137 -0.10 26.41 -9.68
CA PHE B 137 1.15 27.10 -9.92
C PHE B 137 0.86 28.50 -10.46
N MET B 138 -0.19 28.60 -11.27
CA MET B 138 -0.57 29.90 -11.85
C MET B 138 -1.04 30.88 -10.77
N ASN B 139 -1.34 30.38 -9.58
CA ASN B 139 -1.76 31.23 -8.46
C ASN B 139 -0.58 31.57 -7.56
N TYR B 140 0.49 30.79 -7.68
CA TYR B 140 1.70 31.00 -6.89
C TYR B 140 2.37 32.25 -7.42
N LEU B 141 2.11 32.55 -8.69
CA LEU B 141 2.68 33.71 -9.35
C LEU B 141 1.71 34.88 -9.33
N MET C 9 13.41 -24.01 19.32
CA MET C 9 13.27 -23.69 17.86
C MET C 9 14.02 -22.42 17.45
N THR C 10 14.69 -22.46 16.30
CA THR C 10 15.40 -21.29 15.82
C THR C 10 14.64 -20.75 14.60
N PHE C 11 13.82 -19.73 14.85
CA PHE C 11 12.99 -19.12 13.83
C PHE C 11 13.54 -17.76 13.40
N GLN C 12 13.47 -17.48 12.12
CA GLN C 12 13.92 -16.19 11.61
C GLN C 12 13.30 -15.89 10.26
N ILE C 13 12.62 -14.74 10.16
CA ILE C 13 12.00 -14.35 8.91
C ILE C 13 13.07 -13.81 7.97
N GLN C 14 13.21 -14.43 6.80
CA GLN C 14 14.22 -13.99 5.87
C GLN C 14 13.73 -13.04 4.80
N ARG C 15 12.45 -13.13 4.44
CA ARG C 15 11.93 -12.28 3.39
C ARG C 15 10.44 -12.57 3.24
N ILE C 16 9.69 -11.52 2.88
CA ILE C 16 8.25 -11.62 2.69
C ILE C 16 7.98 -10.90 1.39
N TYR C 17 7.22 -11.53 0.51
CA TYR C 17 6.99 -10.98 -0.81
C TYR C 17 5.78 -11.61 -1.48
N THR C 18 5.14 -10.85 -2.37
CA THR C 18 3.98 -11.34 -3.11
C THR C 18 4.50 -11.95 -4.41
N LYS C 19 4.16 -13.21 -4.64
CA LYS C 19 4.60 -13.90 -5.86
C LYS C 19 3.60 -13.60 -6.96
N ASP C 20 2.37 -13.28 -6.57
CA ASP C 20 1.32 -13.05 -7.57
C ASP C 20 0.15 -12.23 -7.07
N ILE C 21 -0.31 -11.32 -7.91
CA ILE C 21 -1.42 -10.46 -7.56
C ILE C 21 -2.30 -10.34 -8.78
N SER C 22 -3.60 -10.43 -8.57
CA SER C 22 -4.50 -10.32 -9.69
C SER C 22 -5.79 -9.68 -9.22
N PHE C 23 -6.22 -8.65 -9.94
CA PHE C 23 -7.46 -7.96 -9.62
C PHE C 23 -8.19 -7.73 -10.91
N GLU C 24 -9.46 -8.08 -10.96
CA GLU C 24 -10.23 -7.89 -12.19
C GLU C 24 -11.62 -7.39 -11.88
N ALA C 25 -12.05 -6.38 -12.61
CA ALA C 25 -13.42 -5.88 -12.45
C ALA C 25 -13.92 -5.74 -13.89
N PRO C 26 -14.35 -6.86 -14.50
CA PRO C 26 -14.86 -6.99 -15.87
C PRO C 26 -15.89 -5.95 -16.29
N ASN C 27 -16.90 -5.74 -15.46
CA ASN C 27 -17.96 -4.78 -15.78
C ASN C 27 -17.78 -3.51 -14.96
N ALA C 28 -16.52 -3.15 -14.71
CA ALA C 28 -16.15 -2.01 -13.88
C ALA C 28 -16.99 -0.77 -14.06
N PRO C 29 -16.96 -0.19 -15.26
CA PRO C 29 -17.77 1.02 -15.40
C PRO C 29 -19.21 0.82 -14.89
N HIS C 30 -20.01 0.09 -15.65
CA HIS C 30 -21.42 -0.14 -15.30
C HIS C 30 -21.70 -0.57 -13.87
N VAL C 31 -20.92 -1.53 -13.38
CA VAL C 31 -21.10 -2.06 -12.04
C VAL C 31 -21.05 -1.01 -10.92
N PHE C 32 -20.47 0.15 -11.21
CA PHE C 32 -20.36 1.22 -10.20
C PHE C 32 -21.70 1.87 -9.84
N GLN C 33 -22.68 1.73 -10.72
CA GLN C 33 -24.00 2.32 -10.50
C GLN C 33 -25.04 1.27 -10.16
N LYS C 34 -24.59 0.17 -9.57
CA LYS C 34 -25.46 -0.94 -9.18
C LYS C 34 -25.67 -0.90 -7.67
N ASP C 35 -26.77 -1.51 -7.21
CA ASP C 35 -27.11 -1.56 -5.78
C ASP C 35 -26.12 -2.43 -5.02
N TRP C 36 -25.29 -1.78 -4.21
CA TRP C 36 -24.26 -2.47 -3.45
C TRP C 36 -24.76 -3.45 -2.39
N GLN C 37 -24.95 -4.70 -2.83
CA GLN C 37 -25.39 -5.80 -1.96
C GLN C 37 -24.65 -7.07 -2.42
N PRO C 38 -23.30 -7.06 -2.39
CA PRO C 38 -22.46 -8.20 -2.79
C PRO C 38 -22.41 -9.41 -1.88
N GLU C 39 -22.04 -10.53 -2.48
CA GLU C 39 -21.89 -11.80 -1.81
C GLU C 39 -20.38 -12.06 -1.85
N VAL C 40 -19.70 -11.69 -0.79
CA VAL C 40 -18.26 -11.87 -0.72
C VAL C 40 -17.86 -13.28 -0.35
N LYS C 41 -17.11 -13.93 -1.22
CA LYS C 41 -16.65 -15.27 -0.94
C LYS C 41 -15.14 -15.29 -0.79
N LEU C 42 -14.68 -15.83 0.33
CA LEU C 42 -13.26 -15.91 0.61
C LEU C 42 -12.75 -17.33 0.53
N ASP C 43 -11.54 -17.49 0.03
CA ASP C 43 -10.93 -18.81 -0.05
C ASP C 43 -9.45 -18.71 0.31
N LEU C 44 -9.02 -19.51 1.27
CA LEU C 44 -7.64 -19.54 1.74
C LEU C 44 -6.98 -20.87 1.43
N ASP C 45 -5.75 -20.81 0.93
CA ASP C 45 -5.00 -22.01 0.62
C ASP C 45 -3.57 -21.76 1.10
N THR C 46 -2.93 -22.80 1.62
CA THR C 46 -1.56 -22.68 2.09
C THR C 46 -0.70 -23.85 1.66
N ALA C 47 0.50 -23.53 1.18
CA ALA C 47 1.47 -24.52 0.73
C ALA C 47 2.85 -24.19 1.28
N SER C 48 3.71 -25.19 1.37
CA SER C 48 5.07 -24.96 1.83
C SER C 48 6.04 -25.87 1.10
N SER C 49 7.31 -25.53 1.18
CA SER C 49 8.34 -26.32 0.52
C SER C 49 9.70 -25.93 1.04
N GLN C 50 10.63 -26.90 1.04
CA GLN C 50 11.99 -26.66 1.51
C GLN C 50 12.82 -26.11 0.35
N LEU C 51 13.66 -25.12 0.65
CA LEU C 51 14.52 -24.52 -0.37
C LEU C 51 15.93 -25.01 -0.20
N ALA C 52 16.33 -25.15 1.08
CA ALA C 52 17.67 -25.61 1.43
C ALA C 52 17.61 -26.11 2.86
N ASP C 53 18.78 -26.34 3.46
CA ASP C 53 18.82 -26.84 4.83
C ASP C 53 18.17 -25.82 5.78
N ASP C 54 17.13 -26.26 6.48
CA ASP C 54 16.38 -25.44 7.44
C ASP C 54 15.82 -24.10 6.89
N VAL C 55 15.75 -23.97 5.57
CA VAL C 55 15.20 -22.79 4.89
C VAL C 55 13.95 -23.22 4.10
N TYR C 56 12.80 -22.68 4.51
CA TYR C 56 11.52 -23.02 3.90
C TYR C 56 10.72 -21.85 3.30
N GLU C 57 10.01 -22.12 2.19
CA GLU C 57 9.16 -21.11 1.60
C GLU C 57 7.72 -21.46 1.95
N VAL C 58 6.97 -20.48 2.46
CA VAL C 58 5.57 -20.71 2.78
C VAL C 58 4.80 -19.73 1.92
N VAL C 59 3.72 -20.22 1.33
CA VAL C 59 2.90 -19.42 0.46
C VAL C 59 1.45 -19.47 0.93
N LEU C 60 0.85 -18.29 1.08
CA LEU C 60 -0.53 -18.17 1.52
C LEU C 60 -1.26 -17.59 0.33
N ARG C 61 -2.25 -18.31 -0.18
CA ARG C 61 -3.04 -17.83 -1.32
C ARG C 61 -4.40 -17.40 -0.76
N VAL C 62 -4.81 -16.17 -1.09
CA VAL C 62 -6.09 -15.65 -0.65
C VAL C 62 -6.86 -15.26 -1.91
N THR C 63 -8.10 -15.72 -2.00
CA THR C 63 -8.97 -15.46 -3.14
C THR C 63 -10.28 -14.82 -2.65
N VAL C 64 -10.62 -13.66 -3.21
CA VAL C 64 -11.85 -12.98 -2.85
C VAL C 64 -12.71 -12.75 -4.08
N THR C 65 -13.98 -13.13 -3.97
CA THR C 65 -14.93 -12.94 -5.07
C THR C 65 -16.08 -12.09 -4.54
N ALA C 66 -16.43 -11.06 -5.28
CA ALA C 66 -17.53 -10.18 -4.90
C ALA C 66 -18.54 -10.18 -6.04
N SER C 67 -19.74 -10.71 -5.78
CA SER C 67 -20.80 -10.80 -6.80
C SER C 67 -22.12 -10.20 -6.35
N LEU C 68 -22.86 -9.64 -7.31
CA LEU C 68 -24.19 -9.06 -7.05
C LEU C 68 -25.26 -10.00 -7.67
N GLY C 69 -24.98 -11.29 -7.60
CA GLY C 69 -25.87 -12.29 -8.16
C GLY C 69 -25.02 -13.14 -9.08
N GLU C 70 -25.12 -12.86 -10.38
CA GLU C 70 -24.33 -13.57 -11.38
C GLU C 70 -23.40 -12.50 -11.97
N GLU C 71 -23.68 -11.24 -11.59
CA GLU C 71 -22.93 -10.06 -12.00
C GLU C 71 -21.67 -9.88 -11.14
N THR C 72 -20.52 -10.36 -11.64
CA THR C 72 -19.29 -10.23 -10.87
C THR C 72 -18.82 -8.78 -10.71
N ALA C 73 -18.63 -8.36 -9.46
CA ALA C 73 -18.19 -7.00 -9.16
C ALA C 73 -16.65 -6.98 -9.36
N PHE C 74 -15.94 -7.90 -8.72
CA PHE C 74 -14.51 -7.99 -8.89
C PHE C 74 -14.01 -9.32 -8.36
N LEU C 75 -12.86 -9.73 -8.86
CA LEU C 75 -12.21 -10.97 -8.43
C LEU C 75 -10.77 -10.59 -8.01
N CYS C 76 -10.36 -10.94 -6.82
CA CYS C 76 -9.01 -10.59 -6.37
C CYS C 76 -8.34 -11.83 -5.79
N GLU C 77 -7.09 -12.07 -6.17
CA GLU C 77 -6.33 -13.22 -5.67
C GLU C 77 -4.89 -12.80 -5.35
N VAL C 78 -4.36 -13.30 -4.25
CA VAL C 78 -3.02 -12.94 -3.90
C VAL C 78 -2.28 -14.15 -3.40
N GLN C 79 -1.04 -14.28 -3.86
CA GLN C 79 -0.15 -15.36 -3.40
C GLN C 79 0.94 -14.62 -2.63
N GLN C 80 0.89 -14.74 -1.32
CA GLN C 80 1.83 -14.04 -0.46
C GLN C 80 2.84 -15.03 0.03
N GLY C 81 4.11 -14.78 -0.32
CA GLY C 81 5.14 -15.70 0.08
C GLY C 81 6.02 -15.19 1.21
N GLY C 82 6.80 -16.11 1.75
CA GLY C 82 7.72 -15.79 2.82
C GLY C 82 8.77 -16.88 2.91
N ILE C 83 10.01 -16.47 3.07
CA ILE C 83 11.12 -17.40 3.22
C ILE C 83 11.46 -17.38 4.72
N PHE C 84 11.50 -18.55 5.33
CA PHE C 84 11.81 -18.66 6.73
C PHE C 84 12.88 -19.67 7.07
N SER C 85 13.74 -19.30 8.03
CA SER C 85 14.80 -20.17 8.52
C SER C 85 14.17 -20.89 9.71
N ILE C 86 14.13 -22.21 9.64
CA ILE C 86 13.54 -23.00 10.73
C ILE C 86 14.41 -24.21 11.05
N ALA C 87 14.85 -24.30 12.31
CA ALA C 87 15.70 -25.40 12.79
C ALA C 87 15.35 -25.77 14.23
N GLY C 88 15.50 -27.05 14.58
CA GLY C 88 15.21 -27.49 15.93
C GLY C 88 13.97 -28.34 16.10
N ILE C 89 12.91 -27.99 15.38
CA ILE C 89 11.67 -28.73 15.46
C ILE C 89 11.50 -29.66 14.26
N GLU C 90 10.59 -30.61 14.37
CA GLU C 90 10.32 -31.56 13.31
C GLU C 90 9.05 -32.33 13.61
N GLY C 91 8.55 -33.07 12.63
CA GLY C 91 7.34 -33.83 12.83
C GLY C 91 6.12 -32.95 12.92
N THR C 92 5.26 -33.20 13.91
CA THR C 92 4.05 -32.40 14.09
C THR C 92 4.38 -30.95 14.40
N GLN C 93 5.43 -30.73 15.18
CA GLN C 93 5.85 -29.37 15.54
C GLN C 93 6.21 -28.56 14.27
N MET C 94 7.05 -29.12 13.42
CA MET C 94 7.46 -28.46 12.17
C MET C 94 6.24 -28.28 11.28
N ALA C 95 5.40 -29.30 11.21
CA ALA C 95 4.20 -29.23 10.37
C ALA C 95 3.30 -28.05 10.79
N HIS C 96 3.08 -27.86 12.09
CA HIS C 96 2.25 -26.76 12.60
C HIS C 96 2.88 -25.38 12.31
N CYS C 97 4.20 -25.32 12.42
CA CYS C 97 4.93 -24.09 12.15
C CYS C 97 4.71 -23.69 10.69
N LEU C 98 4.72 -24.67 9.78
CA LEU C 98 4.54 -24.35 8.37
C LEU C 98 3.10 -24.12 7.96
N GLY C 99 2.15 -24.83 8.56
CA GLY C 99 0.76 -24.66 8.18
C GLY C 99 -0.11 -23.66 8.93
N ALA C 100 0.40 -23.11 10.02
CA ALA C 100 -0.40 -22.15 10.79
C ALA C 100 0.41 -20.92 11.25
N TYR C 101 1.51 -21.17 11.96
CA TYR C 101 2.36 -20.10 12.44
C TYR C 101 2.84 -19.19 11.31
N CYS C 102 3.50 -19.75 10.30
CA CYS C 102 3.99 -18.93 9.19
C CYS C 102 2.86 -18.22 8.42
N PRO C 103 1.77 -18.95 8.11
CA PRO C 103 0.67 -18.31 7.37
C PRO C 103 0.11 -17.16 8.19
N ASN C 104 0.09 -17.33 9.50
CA ASN C 104 -0.43 -16.31 10.41
C ASN C 104 0.38 -15.05 10.27
N ILE C 105 1.68 -15.23 10.01
CA ILE C 105 2.59 -14.12 9.79
C ILE C 105 2.32 -13.48 8.42
N LEU C 106 1.89 -14.28 7.44
CA LEU C 106 1.67 -13.75 6.10
C LEU C 106 0.30 -13.14 5.87
N PHE C 107 -0.68 -13.56 6.66
CA PHE C 107 -2.05 -13.08 6.50
C PHE C 107 -2.20 -11.56 6.48
N PRO C 108 -1.52 -10.83 7.39
CA PRO C 108 -1.65 -9.38 7.37
C PRO C 108 -1.23 -8.76 6.04
N TYR C 109 -0.15 -9.24 5.43
CA TYR C 109 0.29 -8.73 4.14
C TYR C 109 -0.68 -9.11 3.03
N ALA C 110 -1.21 -10.34 3.04
CA ALA C 110 -2.16 -10.72 1.97
C ALA C 110 -3.47 -9.92 2.14
N ARG C 111 -3.91 -9.74 3.38
CA ARG C 111 -5.13 -8.99 3.67
C ARG C 111 -4.99 -7.54 3.17
N GLU C 112 -3.90 -6.91 3.57
CA GLU C 112 -3.65 -5.52 3.19
C GLU C 112 -3.61 -5.43 1.67
N CYS C 113 -2.90 -6.35 1.05
CA CYS C 113 -2.80 -6.36 -0.41
C CYS C 113 -4.19 -6.37 -1.07
N ILE C 114 -5.08 -7.22 -0.55
CA ILE C 114 -6.42 -7.26 -1.13
C ILE C 114 -7.16 -5.93 -0.89
N THR C 115 -7.10 -5.46 0.34
CA THR C 115 -7.73 -4.18 0.71
C THR C 115 -7.32 -3.06 -0.25
N SER C 116 -6.03 -2.96 -0.53
CA SER C 116 -5.52 -1.91 -1.42
C SER C 116 -6.04 -2.04 -2.85
N MET C 117 -5.99 -3.26 -3.38
CA MET C 117 -6.47 -3.54 -4.75
C MET C 117 -7.93 -3.14 -4.89
N VAL C 118 -8.76 -3.59 -3.94
CA VAL C 118 -10.18 -3.27 -3.95
C VAL C 118 -10.37 -1.75 -3.84
N SER C 119 -9.51 -1.09 -3.06
CA SER C 119 -9.59 0.36 -2.90
C SER C 119 -9.20 1.03 -4.20
N ARG C 120 -8.16 0.49 -4.84
CA ARG C 120 -7.69 1.02 -6.13
C ARG C 120 -8.77 0.91 -7.22
N GLY C 121 -9.63 -0.10 -7.09
CA GLY C 121 -10.68 -0.31 -8.08
C GLY C 121 -11.88 0.55 -7.76
N THR C 122 -11.78 1.33 -6.68
CA THR C 122 -12.81 2.23 -6.19
C THR C 122 -14.10 1.50 -5.83
N PHE C 123 -13.94 0.36 -5.17
CA PHE C 123 -15.06 -0.41 -4.66
C PHE C 123 -15.06 -0.15 -3.15
N PRO C 124 -16.17 -0.45 -2.46
CA PRO C 124 -16.27 -0.24 -1.00
C PRO C 124 -15.27 -1.06 -0.17
N GLN C 125 -14.78 -0.45 0.91
CA GLN C 125 -13.79 -1.09 1.80
C GLN C 125 -14.05 -2.56 2.05
N LEU C 126 -12.98 -3.36 1.97
CA LEU C 126 -13.08 -4.79 2.21
C LEU C 126 -12.00 -5.18 3.18
N ASN C 127 -12.40 -5.46 4.41
CA ASN C 127 -11.47 -5.85 5.45
C ASN C 127 -11.71 -7.30 5.86
N LEU C 128 -10.78 -8.17 5.50
CA LEU C 128 -10.88 -9.58 5.84
C LEU C 128 -10.81 -9.77 7.35
N ALA C 129 -11.78 -10.50 7.89
CA ALA C 129 -11.80 -10.75 9.32
C ALA C 129 -10.60 -11.62 9.69
N PRO C 130 -10.16 -11.53 10.96
CA PRO C 130 -9.02 -12.31 11.43
C PRO C 130 -9.22 -13.81 11.14
N VAL C 131 -8.12 -14.53 10.97
CA VAL C 131 -8.19 -15.95 10.68
C VAL C 131 -7.47 -16.76 11.74
N ASN C 132 -8.12 -17.81 12.22
CA ASN C 132 -7.53 -18.66 13.23
C ASN C 132 -6.82 -19.81 12.54
N PHE C 133 -5.59 -19.60 12.08
CA PHE C 133 -4.88 -20.66 11.39
C PHE C 133 -4.66 -21.90 12.23
N ASP C 134 -4.70 -21.74 13.55
CA ASP C 134 -4.52 -22.87 14.44
C ASP C 134 -5.76 -23.75 14.36
N ALA C 135 -6.94 -23.14 14.26
CA ALA C 135 -8.19 -23.89 14.16
C ALA C 135 -8.27 -24.65 12.83
N LEU C 136 -7.85 -24.00 11.76
CA LEU C 136 -7.89 -24.63 10.44
C LEU C 136 -6.94 -25.82 10.42
N PHE C 137 -5.78 -25.66 11.07
CA PHE C 137 -4.78 -26.73 11.10
C PHE C 137 -5.32 -27.98 11.79
N MET C 138 -6.15 -27.79 12.81
CA MET C 138 -6.73 -28.92 13.51
C MET C 138 -7.51 -29.80 12.54
N ASN C 139 -8.39 -29.20 11.75
CA ASN C 139 -9.19 -29.96 10.79
C ASN C 139 -8.29 -30.85 9.93
N TYR C 140 -7.34 -30.23 9.24
CA TYR C 140 -6.41 -30.96 8.39
C TYR C 140 -5.76 -32.12 9.15
N MET D 9 -15.82 25.17 -23.62
CA MET D 9 -15.42 23.75 -23.37
C MET D 9 -15.55 23.37 -21.89
N THR D 10 -15.87 22.11 -21.65
CA THR D 10 -16.01 21.61 -20.28
C THR D 10 -15.20 20.31 -20.15
N PHE D 11 -14.54 20.15 -19.01
CA PHE D 11 -13.74 18.95 -18.79
C PHE D 11 -13.61 18.68 -17.30
N GLN D 12 -14.22 17.61 -16.84
CA GLN D 12 -14.14 17.25 -15.43
C GLN D 12 -13.87 15.76 -15.29
N ILE D 13 -12.99 15.40 -14.37
CA ILE D 13 -12.67 14.01 -14.12
C ILE D 13 -13.72 13.51 -13.15
N GLN D 14 -14.44 12.47 -13.51
CA GLN D 14 -15.46 12.00 -12.59
C GLN D 14 -15.00 10.84 -11.71
N ARG D 15 -13.98 10.10 -12.17
CA ARG D 15 -13.53 8.93 -11.42
C ARG D 15 -12.27 8.35 -12.04
N ILE D 16 -11.37 7.83 -11.19
CA ILE D 16 -10.12 7.17 -11.59
C ILE D 16 -10.16 5.81 -10.89
N TYR D 17 -9.91 4.74 -11.61
CA TYR D 17 -10.01 3.42 -11.00
C TYR D 17 -9.20 2.41 -11.78
N THR D 18 -8.79 1.35 -11.10
CA THR D 18 -8.05 0.30 -11.77
C THR D 18 -9.03 -0.83 -12.13
N LYS D 19 -9.13 -1.09 -13.42
CA LYS D 19 -10.03 -2.12 -13.90
C LYS D 19 -9.39 -3.50 -13.85
N ASP D 20 -8.07 -3.55 -13.94
CA ASP D 20 -7.35 -4.82 -13.97
C ASP D 20 -5.93 -4.59 -13.45
N ILE D 21 -5.48 -5.47 -12.55
CA ILE D 21 -4.14 -5.35 -12.03
C ILE D 21 -3.56 -6.75 -12.08
N SER D 22 -2.30 -6.85 -12.48
CA SER D 22 -1.66 -8.13 -12.53
C SER D 22 -0.17 -8.04 -12.25
N PHE D 23 0.29 -8.82 -11.27
CA PHE D 23 1.70 -8.85 -10.98
C PHE D 23 2.07 -10.32 -10.88
N GLU D 24 3.18 -10.70 -11.50
CA GLU D 24 3.60 -12.07 -11.45
C GLU D 24 5.11 -12.18 -11.39
N ALA D 25 5.60 -13.02 -10.49
CA ALA D 25 7.02 -13.28 -10.32
C ALA D 25 7.18 -14.82 -10.39
N PRO D 26 7.01 -15.41 -11.58
CA PRO D 26 7.11 -16.87 -11.81
C PRO D 26 8.39 -17.57 -11.33
N ASN D 27 9.53 -16.90 -11.43
CA ASN D 27 10.79 -17.50 -10.99
C ASN D 27 11.16 -17.18 -9.53
N ALA D 28 10.23 -16.61 -8.76
CA ALA D 28 10.51 -16.30 -7.34
C ALA D 28 10.30 -17.60 -6.57
N PRO D 29 11.09 -17.81 -5.50
CA PRO D 29 12.15 -16.92 -5.00
C PRO D 29 13.55 -17.11 -5.51
N HIS D 30 13.81 -18.17 -6.26
CA HIS D 30 15.17 -18.38 -6.72
C HIS D 30 15.73 -17.20 -7.49
N VAL D 31 14.89 -16.53 -8.27
CA VAL D 31 15.38 -15.39 -9.03
C VAL D 31 15.89 -14.26 -8.13
N PHE D 32 15.51 -14.24 -6.85
CA PHE D 32 16.03 -13.19 -5.94
C PHE D 32 17.58 -13.26 -5.82
N GLN D 33 18.18 -14.39 -6.22
CA GLN D 33 19.63 -14.58 -6.16
C GLN D 33 20.38 -13.62 -7.06
N LYS D 34 19.64 -12.93 -7.92
CA LYS D 34 20.26 -11.97 -8.82
C LYS D 34 19.87 -10.58 -8.32
N ASP D 35 20.70 -10.03 -7.45
CA ASP D 35 20.45 -8.72 -6.86
C ASP D 35 21.05 -7.57 -7.63
N TRP D 36 20.48 -7.23 -8.78
CA TRP D 36 20.94 -6.10 -9.56
C TRP D 36 19.72 -5.54 -10.26
N GLN D 37 19.90 -4.48 -11.01
CA GLN D 37 18.80 -3.81 -11.68
C GLN D 37 18.23 -4.58 -12.88
N PRO D 38 16.92 -4.87 -12.84
CA PRO D 38 16.22 -5.60 -13.91
C PRO D 38 16.10 -4.81 -15.21
N GLU D 39 16.20 -5.47 -16.36
CA GLU D 39 15.96 -4.75 -17.61
C GLU D 39 14.42 -4.67 -17.69
N VAL D 40 13.92 -3.50 -18.10
CA VAL D 40 12.50 -3.28 -18.17
C VAL D 40 12.02 -2.92 -19.56
N LYS D 41 11.01 -3.67 -20.02
CA LYS D 41 10.38 -3.43 -21.31
C LYS D 41 8.99 -2.89 -20.98
N LEU D 42 8.61 -1.81 -21.67
CA LEU D 42 7.33 -1.16 -21.44
C LEU D 42 6.47 -1.15 -22.66
N ASP D 43 5.20 -1.50 -22.47
CA ASP D 43 4.25 -1.46 -23.56
C ASP D 43 3.02 -0.71 -23.11
N LEU D 44 2.52 0.17 -23.98
CA LEU D 44 1.33 0.95 -23.69
C LEU D 44 0.25 0.61 -24.68
N ASP D 45 -1.00 0.79 -24.26
CA ASP D 45 -2.14 0.52 -25.09
C ASP D 45 -3.28 1.37 -24.52
N THR D 46 -4.01 2.02 -25.40
CA THR D 46 -5.12 2.87 -24.99
C THR D 46 -6.43 2.49 -25.70
N ALA D 47 -7.53 3.01 -25.17
CA ALA D 47 -8.86 2.78 -25.72
C ALA D 47 -9.87 3.69 -25.01
N SER D 48 -11.04 3.86 -25.61
CA SER D 48 -12.09 4.69 -25.01
C SER D 48 -13.48 4.27 -25.47
N SER D 49 -14.49 4.88 -24.88
CA SER D 49 -15.85 4.56 -25.24
C SER D 49 -16.77 5.56 -24.55
N GLN D 50 -17.80 5.97 -25.25
CA GLN D 50 -18.75 6.93 -24.72
C GLN D 50 -19.73 6.22 -23.82
N LEU D 51 -20.09 6.82 -22.69
CA LEU D 51 -21.02 6.18 -21.76
C LEU D 51 -22.36 6.91 -21.73
N ALA D 52 -22.32 8.15 -22.18
CA ALA D 52 -23.48 9.02 -22.24
C ALA D 52 -23.08 10.20 -23.11
N ASP D 53 -23.91 11.23 -23.13
CA ASP D 53 -23.56 12.42 -23.88
C ASP D 53 -22.50 13.18 -23.05
N ASP D 54 -21.39 13.51 -23.69
CA ASP D 54 -20.32 14.23 -23.01
C ASP D 54 -19.68 13.45 -21.87
N VAL D 55 -19.82 12.13 -21.86
CA VAL D 55 -19.22 11.33 -20.82
C VAL D 55 -18.50 10.15 -21.46
N TYR D 56 -17.21 10.09 -21.21
CA TYR D 56 -16.40 9.07 -21.81
C TYR D 56 -15.52 8.33 -20.82
N GLU D 57 -15.23 7.07 -21.15
CA GLU D 57 -14.34 6.30 -20.33
C GLU D 57 -13.09 6.12 -21.17
N VAL D 58 -11.93 6.36 -20.55
CA VAL D 58 -10.64 6.16 -21.23
C VAL D 58 -9.89 5.16 -20.35
N VAL D 59 -9.31 4.15 -20.98
CA VAL D 59 -8.58 3.12 -20.28
C VAL D 59 -7.14 3.08 -20.78
N LEU D 60 -6.18 3.16 -19.86
CA LEU D 60 -4.76 3.14 -20.20
C LEU D 60 -4.19 1.82 -19.71
N ARG D 61 -3.67 1.03 -20.62
CA ARG D 61 -3.09 -0.24 -20.26
C ARG D 61 -1.57 -0.16 -20.30
N VAL D 62 -0.94 -0.38 -19.16
CA VAL D 62 0.50 -0.33 -19.08
C VAL D 62 1.06 -1.72 -18.79
N THR D 63 1.96 -2.22 -19.63
CA THR D 63 2.47 -3.54 -19.39
C THR D 63 3.98 -3.47 -19.19
N VAL D 64 4.44 -4.05 -18.10
CA VAL D 64 5.84 -4.04 -17.80
C VAL D 64 6.37 -5.45 -17.72
N THR D 65 7.41 -5.71 -18.52
CA THR D 65 8.10 -7.01 -18.58
C THR D 65 9.53 -6.81 -18.08
N ALA D 66 9.88 -7.45 -16.99
CA ALA D 66 11.22 -7.24 -16.44
C ALA D 66 11.97 -8.55 -16.35
N SER D 67 13.28 -8.49 -16.56
CA SER D 67 14.04 -9.73 -16.50
C SER D 67 15.42 -9.56 -15.90
N LEU D 68 15.90 -10.60 -15.23
CA LEU D 68 17.23 -10.57 -14.62
C LEU D 68 18.05 -11.67 -15.29
N GLY D 69 19.07 -11.26 -16.03
CA GLY D 69 19.87 -12.24 -16.75
C GLY D 69 19.01 -12.66 -17.93
N GLU D 70 18.95 -13.96 -18.19
CA GLU D 70 18.15 -14.47 -19.30
C GLU D 70 16.84 -15.11 -18.78
N GLU D 71 16.36 -14.65 -17.62
CA GLU D 71 15.13 -15.18 -17.07
C GLU D 71 14.22 -14.07 -16.56
N THR D 72 12.92 -14.34 -16.56
CA THR D 72 11.95 -13.35 -16.12
C THR D 72 12.09 -12.96 -14.65
N ALA D 73 12.09 -11.66 -14.37
CA ALA D 73 12.11 -11.21 -12.99
C ALA D 73 10.64 -11.08 -12.61
N PHE D 74 9.90 -10.25 -13.34
CA PHE D 74 8.48 -10.08 -13.08
C PHE D 74 7.73 -9.49 -14.26
N LEU D 75 6.41 -9.68 -14.24
CA LEU D 75 5.52 -9.13 -15.25
C LEU D 75 4.51 -8.34 -14.45
N CYS D 76 4.23 -7.16 -14.93
CA CYS D 76 3.31 -6.31 -14.23
C CYS D 76 2.44 -5.61 -15.25
N GLU D 77 1.14 -5.70 -15.07
CA GLU D 77 0.23 -5.07 -16.01
C GLU D 77 -0.84 -4.31 -15.26
N VAL D 78 -1.24 -3.16 -15.79
CA VAL D 78 -2.26 -2.38 -15.15
C VAL D 78 -3.19 -1.70 -16.13
N GLN D 79 -4.49 -1.76 -15.85
CA GLN D 79 -5.47 -1.09 -16.69
C GLN D 79 -6.04 -0.02 -15.82
N GLN D 80 -5.63 1.21 -16.07
CA GLN D 80 -6.07 2.36 -15.29
C GLN D 80 -7.11 3.12 -16.09
N GLY D 81 -8.33 3.09 -15.59
CA GLY D 81 -9.42 3.76 -16.27
C GLY D 81 -9.88 5.02 -15.57
N GLY D 82 -10.64 5.81 -16.31
CA GLY D 82 -11.18 7.04 -15.77
C GLY D 82 -12.42 7.42 -16.55
N ILE D 83 -13.32 8.11 -15.88
CA ILE D 83 -14.54 8.59 -16.48
C ILE D 83 -14.43 10.12 -16.51
N PHE D 84 -14.53 10.69 -17.71
CA PHE D 84 -14.42 12.13 -17.86
C PHE D 84 -15.65 12.78 -18.52
N SER D 85 -15.93 14.00 -18.08
CA SER D 85 -17.02 14.79 -18.65
C SER D 85 -16.34 15.69 -19.67
N ILE D 86 -16.69 15.51 -20.94
CA ILE D 86 -16.09 16.32 -21.98
C ILE D 86 -17.18 16.89 -22.88
N ALA D 87 -17.19 18.22 -23.00
CA ALA D 87 -18.18 18.93 -23.82
C ALA D 87 -17.57 20.20 -24.40
N GLY D 88 -18.00 20.58 -25.61
CA GLY D 88 -17.49 21.79 -26.25
C GLY D 88 -16.34 21.53 -27.18
N ILE D 89 -15.98 20.25 -27.33
CA ILE D 89 -14.88 19.84 -28.18
C ILE D 89 -15.43 18.88 -29.22
N GLU D 90 -14.83 18.86 -30.40
CA GLU D 90 -15.32 17.98 -31.44
C GLU D 90 -14.30 17.53 -32.46
N GLY D 91 -14.70 16.55 -33.26
CA GLY D 91 -13.85 16.03 -34.33
C GLY D 91 -12.47 15.53 -33.95
N THR D 92 -11.47 16.18 -34.54
CA THR D 92 -10.07 15.83 -34.32
C THR D 92 -9.57 16.18 -32.93
N GLN D 93 -10.10 17.26 -32.38
CA GLN D 93 -9.72 17.71 -31.06
C GLN D 93 -10.18 16.73 -29.97
N MET D 94 -11.39 16.18 -30.15
CA MET D 94 -11.95 15.23 -29.18
C MET D 94 -11.17 13.93 -29.19
N ALA D 95 -10.76 13.50 -30.38
CA ALA D 95 -10.00 12.26 -30.54
C ALA D 95 -8.65 12.36 -29.84
N HIS D 96 -8.05 13.55 -29.88
CA HIS D 96 -6.75 13.81 -29.25
C HIS D 96 -6.89 13.93 -27.73
N CYS D 97 -8.03 14.45 -27.28
CA CYS D 97 -8.26 14.59 -25.85
C CYS D 97 -8.47 13.21 -25.25
N LEU D 98 -8.98 12.29 -26.07
CA LEU D 98 -9.25 10.92 -25.64
C LEU D 98 -8.04 10.00 -25.79
N GLY D 99 -7.31 10.17 -26.88
CA GLY D 99 -6.15 9.35 -27.12
C GLY D 99 -4.84 9.89 -26.55
N ALA D 100 -4.85 11.11 -26.03
CA ALA D 100 -3.61 11.67 -25.51
C ALA D 100 -3.77 12.42 -24.19
N TYR D 101 -4.58 13.45 -24.20
CA TYR D 101 -4.76 14.23 -23.00
C TYR D 101 -5.18 13.38 -21.82
N CYS D 102 -6.23 12.56 -22.00
CA CYS D 102 -6.72 11.71 -20.91
C CYS D 102 -5.73 10.62 -20.49
N PRO D 103 -5.08 9.97 -21.48
CA PRO D 103 -4.12 8.92 -21.13
C PRO D 103 -3.00 9.53 -20.28
N ASN D 104 -2.57 10.73 -20.68
CA ASN D 104 -1.53 11.44 -19.96
C ASN D 104 -1.94 11.76 -18.52
N ILE D 105 -3.24 11.89 -18.30
CA ILE D 105 -3.74 12.18 -16.97
C ILE D 105 -3.70 10.89 -16.15
N LEU D 106 -3.96 9.77 -16.81
CA LEU D 106 -4.00 8.48 -16.14
C LEU D 106 -2.64 7.84 -15.83
N PHE D 107 -1.61 8.20 -16.58
CA PHE D 107 -0.28 7.61 -16.41
C PHE D 107 0.29 7.71 -14.99
N PRO D 108 0.20 8.89 -14.35
CA PRO D 108 0.69 9.12 -12.98
C PRO D 108 0.15 8.06 -12.02
N TYR D 109 -1.14 7.74 -12.13
CA TYR D 109 -1.73 6.74 -11.27
C TYR D 109 -1.25 5.34 -11.67
N ALA D 110 -1.09 5.08 -12.96
CA ALA D 110 -0.59 3.76 -13.34
C ALA D 110 0.84 3.52 -12.82
N ARG D 111 1.69 4.56 -12.89
CA ARG D 111 3.07 4.45 -12.41
C ARG D 111 3.11 4.11 -10.94
N GLU D 112 2.37 4.89 -10.14
CA GLU D 112 2.34 4.63 -8.70
C GLU D 112 1.88 3.20 -8.41
N CYS D 113 0.88 2.73 -9.15
CA CYS D 113 0.38 1.37 -8.96
C CYS D 113 1.46 0.36 -9.24
N ILE D 114 2.19 0.56 -10.34
CA ILE D 114 3.25 -0.36 -10.72
C ILE D 114 4.40 -0.34 -9.71
N THR D 115 4.77 0.86 -9.29
CA THR D 115 5.84 1.00 -8.31
C THR D 115 5.51 0.16 -7.09
N SER D 116 4.28 0.31 -6.61
CA SER D 116 3.80 -0.35 -5.42
C SER D 116 3.81 -1.89 -5.48
N MET D 117 3.45 -2.44 -6.63
CA MET D 117 3.42 -3.88 -6.79
C MET D 117 4.84 -4.42 -6.96
N VAL D 118 5.69 -3.65 -7.63
CA VAL D 118 7.05 -4.08 -7.79
C VAL D 118 7.69 -4.13 -6.40
N SER D 119 7.38 -3.13 -5.57
CA SER D 119 7.92 -3.07 -4.20
C SER D 119 7.35 -4.22 -3.34
N ARG D 120 6.08 -4.57 -3.56
CA ARG D 120 5.51 -5.69 -2.81
C ARG D 120 6.18 -7.00 -3.27
N GLY D 121 6.71 -7.01 -4.49
CA GLY D 121 7.35 -8.19 -5.01
C GLY D 121 8.78 -8.29 -4.49
N THR D 122 9.20 -7.21 -3.83
CA THR D 122 10.53 -7.01 -3.26
C THR D 122 11.63 -6.89 -4.31
N PHE D 123 11.34 -6.28 -5.46
CA PHE D 123 12.34 -6.04 -6.51
C PHE D 123 12.79 -4.57 -6.41
N PRO D 124 13.90 -4.21 -7.06
CA PRO D 124 14.39 -2.82 -7.00
C PRO D 124 13.29 -1.86 -7.46
N GLN D 125 13.29 -0.64 -6.94
CA GLN D 125 12.27 0.34 -7.30
C GLN D 125 12.14 0.59 -8.79
N LEU D 126 10.91 0.76 -9.25
CA LEU D 126 10.63 1.03 -10.65
C LEU D 126 9.71 2.25 -10.71
N ASN D 127 10.20 3.30 -11.34
CA ASN D 127 9.42 4.53 -11.49
C ASN D 127 9.39 4.79 -12.97
N LEU D 128 8.27 4.48 -13.60
CA LEU D 128 8.18 4.66 -15.04
C LEU D 128 8.49 6.07 -15.49
N ALA D 129 9.25 6.17 -16.58
CA ALA D 129 9.61 7.46 -17.16
C ALA D 129 8.37 8.10 -17.80
N PRO D 130 8.26 9.44 -17.73
CA PRO D 130 7.13 10.12 -18.33
C PRO D 130 7.01 9.74 -19.80
N VAL D 131 5.82 9.89 -20.34
CA VAL D 131 5.57 9.56 -21.74
C VAL D 131 4.85 10.69 -22.41
N ASN D 132 5.34 11.08 -23.59
CA ASN D 132 4.74 12.16 -24.36
C ASN D 132 3.67 11.53 -25.26
N PHE D 133 2.44 11.52 -24.77
CA PHE D 133 1.36 10.92 -25.54
C PHE D 133 1.03 11.69 -26.81
N ASP D 134 1.33 12.99 -26.84
CA ASP D 134 1.06 13.77 -28.03
C ASP D 134 1.82 13.13 -29.19
N ALA D 135 3.06 12.77 -28.94
CA ALA D 135 3.88 12.15 -29.98
C ALA D 135 3.36 10.77 -30.34
N LEU D 136 2.97 10.01 -29.31
CA LEU D 136 2.44 8.67 -29.52
C LEU D 136 1.14 8.67 -30.31
N PHE D 137 0.38 9.76 -30.20
CA PHE D 137 -0.88 9.85 -30.92
C PHE D 137 -0.63 10.24 -32.37
N MET D 138 0.13 11.31 -32.59
CA MET D 138 0.41 11.75 -33.95
C MET D 138 0.99 10.62 -34.76
N ASN D 139 1.80 9.79 -34.13
CA ASN D 139 2.40 8.66 -34.81
C ASN D 139 1.34 7.62 -35.12
N TYR D 140 0.34 7.56 -34.26
CA TYR D 140 -0.77 6.61 -34.43
C TYR D 140 -1.61 7.01 -35.64
N LEU D 141 -1.85 8.31 -35.77
CA LEU D 141 -2.63 8.86 -36.87
C LEU D 141 -2.01 8.58 -38.23
N GLN D 142 -0.73 8.88 -38.38
CA GLN D 142 -0.03 8.65 -39.63
C GLN D 142 0.14 7.16 -39.89
N GLN D 143 -0.72 6.35 -39.29
CA GLN D 143 -0.68 4.90 -39.44
C GLN D 143 -2.11 4.37 -39.45
N GLN D 144 -2.83 4.65 -40.53
CA GLN D 144 -4.21 4.18 -40.63
C GLN D 144 -4.71 4.27 -42.08
#